data_6WZN
#
_entry.id   6WZN
#
_cell.length_a   103.961
_cell.length_b   103.961
_cell.length_c   122.740
_cell.angle_alpha   90.000
_cell.angle_beta   90.000
_cell.angle_gamma   90.000
#
_symmetry.space_group_name_H-M   'P 41 21 2'
#
loop_
_entity.id
_entity.type
_entity.pdbx_description
1 polymer 'Fluorescent Single Chain Fv Chimera'
2 non-polymer GLYCEROL
3 water water
#
_entity_poly.entity_id   1
_entity_poly.type   'polypeptide(L)'
_entity_poly.pdbx_seq_one_letter_code
;GAHADIQMTQSPSFLSASVGDRVTITCRASQGISSWLAWYQQKPGKAPKLLIYAASSLQSGVPSRFSGSGSGTDFTLTIS
SLQPEDFATYYCQQANSFPLTFGGGTRLEIKSGGSTITSVIKPEMKIKLRMEGAVNGHKFVIEGEGIGKPYEGTQTLDLT
VEEGAPLPFSYDILTPAF(CRQ)NRAFTKYPEDIPDYFKQAFPEGYSWERSMTYEDQGICIATSDITMEGDCFFYEIRFD
GTNFPPNGPVMQKKTLKWEPSTEKMYVEDGVLKGDVEMALLLEGGGHYRCDFKTTYKAKKDVRLPDAHEVDHRIEILSHD
KDYNKVRLYEHAEARYSGGGSGSSSGTQVQLVESGGGLVQPGGSLRLSCAASGLTFSNYAMNWVRQAPGKGLEWVSSISS
RGDTTYYADSVKGRFTISRDNSKSTLYLQMNSLRAEDAAVYYCARLRNSGGMDVWGPGTTVTVSSAS
;
_entity_poly.pdbx_strand_id   A
#
loop_
_chem_comp.id
_chem_comp.type
_chem_comp.name
_chem_comp.formula
GOL non-polymer GLYCEROL 'C3 H8 O3'
#
# COMPACT_ATOMS: atom_id res chain seq x y z
N GLY A 1 -20.45 -2.99 -38.37
CA GLY A 1 -19.87 -3.21 -39.69
C GLY A 1 -18.77 -4.25 -39.68
N ALA A 2 -18.25 -4.58 -40.86
CA ALA A 2 -17.20 -5.58 -40.96
C ALA A 2 -15.93 -5.09 -40.27
N HIS A 3 -15.51 -5.78 -39.22
CA HIS A 3 -14.29 -5.41 -38.51
C HIS A 3 -13.41 -6.64 -38.35
N ALA A 4 -12.13 -6.38 -38.05
CA ALA A 4 -11.19 -7.45 -37.75
C ALA A 4 -11.49 -8.04 -36.38
N ASP A 5 -11.17 -9.32 -36.21
CA ASP A 5 -11.51 -10.04 -35.00
C ASP A 5 -10.23 -10.41 -34.27
N ILE A 6 -9.58 -9.39 -33.69
CA ILE A 6 -8.26 -9.57 -33.10
C ILE A 6 -8.42 -10.31 -31.77
N GLN A 7 -7.90 -11.53 -31.70
CA GLN A 7 -7.82 -12.28 -30.46
C GLN A 7 -6.47 -12.00 -29.83
N MET A 8 -6.49 -11.60 -28.57
CA MET A 8 -5.28 -11.42 -27.78
C MET A 8 -5.19 -12.60 -26.82
N THR A 9 -4.10 -13.34 -26.87
CA THR A 9 -3.85 -14.41 -25.92
C THR A 9 -2.48 -14.18 -25.28
N GLN A 10 -2.39 -14.43 -23.98
CA GLN A 10 -1.15 -14.25 -23.23
C GLN A 10 -0.70 -15.59 -22.67
N SER A 11 0.61 -15.72 -22.49
CA SER A 11 1.19 -16.91 -21.87
C SER A 11 2.39 -16.51 -21.02
N PRO A 12 2.57 -17.14 -19.87
CA PRO A 12 1.62 -18.10 -19.32
C PRO A 12 0.41 -17.41 -18.71
N SER A 13 -0.67 -18.13 -18.46
CA SER A 13 -1.80 -17.52 -17.78
C SER A 13 -1.51 -17.31 -16.29
N PHE A 14 -0.62 -18.12 -15.71
CA PHE A 14 -0.20 -17.86 -14.34
C PHE A 14 1.16 -18.51 -14.13
N LEU A 15 1.92 -17.94 -13.19
CA LEU A 15 3.20 -18.52 -12.81
C LEU A 15 3.50 -18.15 -11.37
N SER A 16 4.39 -18.92 -10.75
CA SER A 16 4.89 -18.64 -9.41
C SER A 16 6.31 -18.12 -9.51
N ALA A 17 6.62 -17.06 -8.75
CA ALA A 17 7.95 -16.47 -8.82
C ALA A 17 8.42 -16.02 -7.44
N SER A 18 9.68 -15.57 -7.39
CA SER A 18 10.31 -15.12 -6.17
C SER A 18 10.86 -13.72 -6.39
N VAL A 19 11.00 -12.95 -5.31
CA VAL A 19 11.58 -11.62 -5.48
C VAL A 19 13.01 -11.78 -5.96
N GLY A 20 13.40 -10.97 -6.94
CA GLY A 20 14.68 -11.06 -7.58
C GLY A 20 14.67 -11.82 -8.89
N ASP A 21 13.63 -12.62 -9.14
CA ASP A 21 13.52 -13.38 -10.37
C ASP A 21 13.33 -12.47 -11.57
N ARG A 22 13.83 -12.90 -12.71
CA ARG A 22 13.53 -12.25 -13.98
C ARG A 22 12.33 -12.94 -14.61
N VAL A 23 11.30 -12.18 -14.93
CA VAL A 23 10.06 -12.70 -15.47
C VAL A 23 9.82 -12.07 -16.83
N THR A 24 9.45 -12.89 -17.80
CA THR A 24 9.01 -12.42 -19.11
C THR A 24 7.69 -13.08 -19.42
N ILE A 25 6.70 -12.29 -19.82
CA ILE A 25 5.41 -12.80 -20.24
C ILE A 25 5.15 -12.24 -21.64
N THR A 26 4.40 -12.99 -22.43
CA THR A 26 4.26 -12.69 -23.84
C THR A 26 2.78 -12.64 -24.21
N CYS A 27 2.51 -12.08 -25.37
CA CYS A 27 1.15 -12.13 -25.87
C CYS A 27 1.19 -12.21 -27.37
N ARG A 28 0.20 -12.89 -27.94
CA ARG A 28 0.08 -13.05 -29.38
C ARG A 28 -1.24 -12.44 -29.82
N ALA A 29 -1.22 -11.77 -30.95
CA ALA A 29 -2.40 -11.20 -31.57
C ALA A 29 -2.74 -12.07 -32.77
N SER A 30 -4.03 -12.26 -33.02
CA SER A 30 -4.39 -13.16 -34.11
C SER A 30 -4.04 -12.58 -35.48
N GLN A 31 -4.02 -11.25 -35.59
CA GLN A 31 -3.61 -10.54 -36.79
C GLN A 31 -2.73 -9.36 -36.38
N GLY A 32 -2.02 -8.81 -37.37
CA GLY A 32 -1.09 -7.72 -37.09
C GLY A 32 -1.77 -6.55 -36.42
N ILE A 33 -1.17 -6.04 -35.37
CA ILE A 33 -1.64 -4.82 -34.71
C ILE A 33 -0.55 -3.75 -34.71
N SER A 34 0.37 -3.83 -35.67
CA SER A 34 1.54 -2.93 -35.72
C SER A 34 2.19 -2.95 -34.33
N SER A 35 2.42 -1.81 -33.70
CA SER A 35 2.99 -1.77 -32.35
C SER A 35 2.03 -1.16 -31.34
N TRP A 36 0.74 -1.06 -31.69
CA TRP A 36 -0.25 -0.43 -30.81
C TRP A 36 -0.70 -1.43 -29.76
N LEU A 37 0.21 -1.68 -28.82
CA LEU A 37 -0.01 -2.64 -27.75
C LEU A 37 0.42 -2.02 -26.43
N ALA A 38 -0.46 -2.09 -25.44
CA ALA A 38 -0.17 -1.59 -24.11
C ALA A 38 -0.23 -2.73 -23.11
N TRP A 39 0.43 -2.50 -21.97
CA TRP A 39 0.43 -3.46 -20.87
C TRP A 39 -0.08 -2.78 -19.61
N TYR A 40 -0.88 -3.52 -18.84
CA TYR A 40 -1.42 -3.04 -17.57
C TYR A 40 -1.07 -4.01 -16.44
N GLN A 41 -0.89 -3.44 -15.26
CA GLN A 41 -0.71 -4.17 -14.02
C GLN A 41 -1.97 -3.99 -13.16
N GLN A 42 -2.50 -5.08 -12.63
CA GLN A 42 -3.68 -4.97 -11.77
C GLN A 42 -3.45 -5.72 -10.46
N LYS A 43 -3.42 -5.00 -9.40
CA LYS A 43 -3.29 -5.63 -8.12
C LYS A 43 -4.66 -5.94 -7.54
N PRO A 44 -4.76 -6.94 -6.67
CA PRO A 44 -6.08 -7.36 -6.16
C PRO A 44 -6.85 -6.19 -5.57
N GLY A 45 -8.09 -6.02 -6.02
CA GLY A 45 -8.96 -4.98 -5.52
C GLY A 45 -8.75 -3.61 -6.13
N LYS A 46 -7.73 -3.44 -6.97
CA LYS A 46 -7.41 -2.13 -7.52
C LYS A 46 -7.71 -2.10 -9.02
N ALA A 47 -7.75 -0.90 -9.56
CA ALA A 47 -7.96 -0.73 -10.97
C ALA A 47 -6.67 -0.99 -11.73
N PRO A 48 -6.77 -1.37 -13.00
CA PRO A 48 -5.56 -1.58 -13.81
C PRO A 48 -4.75 -0.29 -13.92
N LYS A 49 -3.43 -0.43 -13.87
CA LYS A 49 -2.50 0.69 -14.00
C LYS A 49 -1.68 0.51 -15.27
N LEU A 50 -1.56 1.58 -16.07
CA LEU A 50 -0.83 1.52 -17.33
C LEU A 50 0.68 1.49 -17.08
N LEU A 51 1.34 0.44 -17.57
CA LEU A 51 2.78 0.30 -17.51
C LEU A 51 3.48 0.78 -18.76
N ILE A 52 3.07 0.28 -19.92
CA ILE A 52 3.78 0.43 -21.18
C ILE A 52 2.75 0.68 -22.27
N TYR A 53 3.08 1.51 -23.25
CA TYR A 53 2.26 1.74 -24.43
C TYR A 53 3.17 1.79 -25.65
N ALA A 54 2.56 1.57 -26.83
CA ALA A 54 3.33 1.41 -28.06
C ALA A 54 4.42 0.36 -27.88
N ALA A 55 4.08 -0.71 -27.16
CA ALA A 55 4.93 -1.89 -27.01
C ALA A 55 6.16 -1.69 -26.15
N SER A 56 6.81 -0.51 -26.20
CA SER A 56 8.08 -0.32 -25.49
C SER A 56 8.14 0.93 -24.63
N SER A 57 7.24 1.89 -24.81
CA SER A 57 7.35 3.18 -24.15
C SER A 57 6.81 3.07 -22.73
N LEU A 58 7.62 3.43 -21.75
CA LEU A 58 7.20 3.35 -20.35
C LEU A 58 6.35 4.54 -19.95
N GLN A 59 5.28 4.26 -19.24
CA GLN A 59 4.47 5.31 -18.64
C GLN A 59 5.27 6.04 -17.56
N SER A 60 5.02 7.34 -17.42
CA SER A 60 5.72 8.12 -16.42
C SER A 60 5.52 7.53 -15.03
N GLY A 61 6.60 7.41 -14.27
CA GLY A 61 6.58 6.88 -12.93
C GLY A 61 6.73 5.37 -12.82
N VAL A 62 6.86 4.67 -13.94
CA VAL A 62 7.05 3.22 -13.95
C VAL A 62 8.54 2.93 -13.76
N PRO A 63 8.94 2.15 -12.75
CA PRO A 63 10.36 1.86 -12.56
C PRO A 63 10.97 1.19 -13.78
N SER A 64 12.29 1.37 -13.93
CA SER A 64 13.02 0.93 -15.11
C SER A 64 13.12 -0.59 -15.22
N ARG A 65 12.80 -1.35 -14.18
CA ARG A 65 12.89 -2.80 -14.33
C ARG A 65 11.83 -3.36 -15.27
N PHE A 66 10.83 -2.56 -15.63
CA PHE A 66 9.81 -2.96 -16.60
C PHE A 66 10.24 -2.56 -17.99
N SER A 67 10.18 -3.51 -18.93
CA SER A 67 10.49 -3.22 -20.33
C SER A 67 9.55 -4.02 -21.22
N GLY A 68 9.52 -3.64 -22.50
CA GLY A 68 8.62 -4.29 -23.43
C GLY A 68 9.13 -4.15 -24.84
N SER A 69 8.78 -5.12 -25.67
CA SER A 69 9.15 -5.06 -27.09
C SER A 69 8.18 -5.90 -27.90
N GLY A 70 8.21 -5.67 -29.21
CA GLY A 70 7.43 -6.46 -30.16
C GLY A 70 6.71 -5.55 -31.14
N SER A 71 6.53 -6.06 -32.36
CA SER A 71 5.80 -5.32 -33.38
C SER A 71 5.24 -6.33 -34.36
N GLY A 72 3.92 -6.30 -34.53
CA GLY A 72 3.28 -7.20 -35.48
C GLY A 72 2.25 -8.03 -34.76
N THR A 73 2.56 -9.30 -34.49
CA THR A 73 1.66 -10.16 -33.74
C THR A 73 2.20 -10.62 -32.38
N ASP A 74 3.49 -10.49 -32.09
CA ASP A 74 4.05 -11.11 -30.90
C ASP A 74 4.83 -10.09 -30.08
N PHE A 75 4.50 -9.99 -28.79
CA PHE A 75 5.04 -8.97 -27.91
C PHE A 75 5.40 -9.60 -26.57
N THR A 76 6.33 -8.95 -25.87
CA THR A 76 6.78 -9.38 -24.56
C THR A 76 6.79 -8.21 -23.60
N LEU A 77 6.51 -8.53 -22.33
CA LEU A 77 6.77 -7.68 -21.18
C LEU A 77 7.79 -8.38 -20.29
N THR A 78 8.79 -7.65 -19.80
CA THR A 78 9.84 -8.24 -18.98
C THR A 78 10.03 -7.42 -17.71
N ILE A 79 10.15 -8.11 -16.58
CA ILE A 79 10.57 -7.51 -15.33
C ILE A 79 11.93 -8.11 -15.00
N SER A 80 12.95 -7.26 -14.90
CA SER A 80 14.30 -7.79 -14.75
C SER A 80 14.54 -8.35 -13.35
N SER A 81 13.93 -7.74 -12.33
CA SER A 81 14.07 -8.22 -10.96
C SER A 81 12.75 -8.00 -10.25
N LEU A 82 12.02 -9.08 -10.01
CA LEU A 82 10.70 -8.97 -9.40
C LEU A 82 10.80 -8.45 -7.97
N GLN A 83 10.01 -7.43 -7.66
CA GLN A 83 9.89 -6.82 -6.34
C GLN A 83 8.53 -7.16 -5.73
N PRO A 84 8.40 -7.07 -4.41
CA PRO A 84 7.09 -7.36 -3.79
C PRO A 84 5.94 -6.58 -4.39
N GLU A 85 6.18 -5.32 -4.79
CA GLU A 85 5.15 -4.51 -5.42
C GLU A 85 4.59 -5.14 -6.69
N ASP A 86 5.35 -6.03 -7.34
CA ASP A 86 5.09 -6.45 -8.72
C ASP A 86 4.17 -7.65 -8.86
N PHE A 87 3.78 -8.31 -7.77
CA PHE A 87 2.96 -9.51 -7.86
C PHE A 87 1.51 -9.11 -8.11
N ALA A 88 1.08 -9.16 -9.37
CA ALA A 88 -0.23 -8.68 -9.76
C ALA A 88 -0.73 -9.56 -10.89
N THR A 89 -1.87 -9.20 -11.45
CA THR A 89 -2.31 -9.76 -12.73
C THR A 89 -1.99 -8.76 -13.85
N TYR A 90 -1.41 -9.25 -14.93
CA TYR A 90 -0.95 -8.38 -16.02
C TYR A 90 -1.77 -8.62 -17.28
N TYR A 91 -2.29 -7.53 -17.87
CA TYR A 91 -3.07 -7.62 -19.10
C TYR A 91 -2.40 -6.85 -20.22
N CYS A 92 -2.59 -7.34 -21.43
CA CYS A 92 -2.20 -6.63 -22.62
C CYS A 92 -3.44 -6.15 -23.35
N GLN A 93 -3.27 -5.11 -24.16
CA GLN A 93 -4.40 -4.50 -24.84
C GLN A 93 -3.94 -3.95 -26.19
N GLN A 94 -4.73 -4.24 -27.20
CA GLN A 94 -4.43 -3.81 -28.55
C GLN A 94 -5.19 -2.51 -28.83
N ALA A 95 -4.58 -1.62 -29.60
CA ALA A 95 -5.27 -0.38 -29.98
C ALA A 95 -5.02 -0.08 -31.45
N ASN A 96 -4.95 -1.12 -32.27
CA ASN A 96 -4.84 -0.90 -33.71
C ASN A 96 -6.18 -0.54 -34.33
N SER A 97 -7.28 -0.97 -33.71
CA SER A 97 -8.59 -0.79 -34.32
C SER A 97 -9.65 -1.13 -33.29
N PHE A 98 -10.85 -0.55 -33.49
CA PHE A 98 -11.99 -0.93 -32.67
C PHE A 98 -12.64 -2.19 -33.23
N PRO A 99 -13.14 -3.09 -32.37
CA PRO A 99 -13.17 -2.99 -30.90
C PRO A 99 -11.82 -3.19 -30.25
N LEU A 100 -11.52 -2.43 -29.20
CA LEU A 100 -10.32 -2.69 -28.43
C LEU A 100 -10.44 -4.05 -27.74
N THR A 101 -9.30 -4.70 -27.53
CA THR A 101 -9.32 -6.04 -26.95
C THR A 101 -8.20 -6.19 -25.93
N PHE A 102 -8.51 -6.89 -24.85
CA PHE A 102 -7.55 -7.27 -23.82
C PHE A 102 -7.17 -8.73 -23.97
N GLY A 103 -5.98 -9.07 -23.49
CA GLY A 103 -5.61 -10.46 -23.31
C GLY A 103 -6.28 -11.04 -22.08
N GLY A 104 -6.17 -12.36 -21.94
CA GLY A 104 -6.80 -13.04 -20.82
C GLY A 104 -6.12 -12.76 -19.49
N GLY A 105 -4.91 -12.25 -19.51
CA GLY A 105 -4.25 -11.92 -18.27
C GLY A 105 -3.23 -12.98 -17.85
N THR A 106 -2.23 -12.54 -17.11
CA THR A 106 -1.23 -13.41 -16.50
C THR A 106 -1.15 -13.07 -15.02
N ARG A 107 -1.35 -14.06 -14.16
CA ARG A 107 -1.28 -13.86 -12.71
C ARG A 107 0.09 -14.25 -12.20
N LEU A 108 0.68 -13.39 -11.38
CA LEU A 108 1.98 -13.63 -10.77
C LEU A 108 1.78 -13.99 -9.30
N GLU A 109 1.88 -15.28 -8.99
CA GLU A 109 1.80 -15.76 -7.61
C GLU A 109 3.16 -15.73 -6.92
N ILE A 110 3.14 -15.50 -5.60
CA ILE A 110 4.34 -15.59 -4.77
C ILE A 110 4.65 -17.05 -4.49
N LYS A 111 5.79 -17.52 -4.99
CA LYS A 111 6.15 -18.93 -4.80
C LYS A 111 6.42 -19.22 -3.32
N SER A 112 5.81 -20.29 -2.81
CA SER A 112 5.92 -20.75 -1.44
C SER A 112 5.45 -19.73 -0.42
N GLY A 113 4.77 -18.67 -0.86
CA GLY A 113 4.31 -17.66 0.08
C GLY A 113 5.47 -17.05 0.84
N GLY A 114 5.23 -16.77 2.12
CA GLY A 114 6.30 -16.26 2.95
C GLY A 114 7.03 -17.35 3.72
N SER A 115 7.13 -18.57 3.16
CA SER A 115 7.74 -19.65 3.91
C SER A 115 9.19 -19.33 4.27
N THR A 116 9.86 -18.50 3.47
CA THR A 116 11.25 -18.17 3.75
C THR A 116 11.36 -17.21 4.93
N ILE A 117 10.52 -16.19 5.00
CA ILE A 117 10.64 -15.23 6.11
C ILE A 117 10.16 -15.86 7.42
N THR A 118 9.15 -16.75 7.38
CA THR A 118 8.64 -17.38 8.59
C THR A 118 9.57 -18.43 9.17
N SER A 119 10.63 -18.81 8.45
CA SER A 119 11.66 -19.66 9.03
C SER A 119 12.63 -18.86 9.90
N VAL A 120 12.80 -17.57 9.63
CA VAL A 120 13.69 -16.70 10.41
C VAL A 120 12.90 -16.06 11.55
N ILE A 121 11.96 -15.19 11.20
CA ILE A 121 11.06 -14.56 12.16
C ILE A 121 9.89 -15.50 12.40
N LYS A 122 9.87 -16.17 13.54
CA LYS A 122 8.79 -17.09 13.86
C LYS A 122 7.46 -16.35 14.07
N PRO A 123 6.33 -17.04 13.87
CA PRO A 123 5.03 -16.40 14.15
C PRO A 123 4.87 -15.94 15.60
N GLU A 124 5.60 -16.54 16.54
CA GLU A 124 5.78 -15.99 17.88
C GLU A 124 7.25 -15.78 18.14
N MET A 125 7.60 -14.62 18.69
CA MET A 125 8.95 -14.30 19.11
C MET A 125 8.89 -13.74 20.53
N LYS A 126 9.78 -14.22 21.40
CA LYS A 126 9.95 -13.66 22.73
C LYS A 126 10.88 -12.45 22.68
N ILE A 127 10.86 -11.65 23.74
CA ILE A 127 11.65 -10.42 23.86
C ILE A 127 12.41 -10.43 25.17
N LYS A 128 13.71 -10.15 25.13
CA LYS A 128 14.50 -9.83 26.31
C LYS A 128 15.24 -8.52 26.07
N LEU A 129 15.11 -7.57 27.01
CA LEU A 129 15.70 -6.24 26.83
C LEU A 129 16.25 -5.73 28.15
N ARG A 130 17.23 -4.84 28.03
CA ARG A 130 17.74 -4.06 29.16
C ARG A 130 17.87 -2.61 28.72
N MET A 131 17.33 -1.69 29.52
CA MET A 131 17.45 -0.26 29.27
C MET A 131 18.24 0.36 30.40
N GLU A 132 19.27 1.12 30.06
CA GLU A 132 20.03 1.89 31.03
C GLU A 132 19.98 3.35 30.60
N GLY A 133 19.82 4.28 31.55
CA GLY A 133 19.70 5.67 31.16
C GLY A 133 19.56 6.63 32.32
N ALA A 134 19.38 7.90 31.96
CA ALA A 134 19.18 8.99 32.92
C ALA A 134 18.14 9.97 32.38
N VAL A 135 17.33 10.53 33.29
CA VAL A 135 16.38 11.60 32.98
C VAL A 135 16.57 12.72 34.00
N ASN A 136 16.90 13.91 33.52
CA ASN A 136 17.25 15.05 34.37
C ASN A 136 18.37 14.67 35.34
N GLY A 137 19.29 13.81 34.87
CA GLY A 137 20.39 13.35 35.68
C GLY A 137 20.10 12.11 36.52
N HIS A 138 18.84 11.68 36.64
CA HIS A 138 18.47 10.55 37.50
C HIS A 138 18.74 9.22 36.76
N LYS A 139 19.74 8.49 37.23
CA LYS A 139 20.13 7.21 36.62
C LYS A 139 19.16 6.09 36.99
N PHE A 140 18.90 5.21 36.03
CA PHE A 140 18.01 4.08 36.26
C PHE A 140 18.37 2.95 35.30
N VAL A 141 17.90 1.75 35.63
CA VAL A 141 18.04 0.56 34.80
C VAL A 141 16.71 -0.18 34.81
N ILE A 142 16.24 -0.58 33.63
CA ILE A 142 14.99 -1.32 33.49
C ILE A 142 15.24 -2.55 32.63
N GLU A 143 14.71 -3.68 33.05
CA GLU A 143 14.78 -4.93 32.30
C GLU A 143 13.38 -5.42 31.96
N GLY A 144 13.30 -6.22 30.92
CA GLY A 144 12.00 -6.59 30.37
C GLY A 144 12.04 -7.94 29.69
N GLU A 145 10.91 -8.64 29.78
CA GLU A 145 10.70 -9.88 29.07
C GLU A 145 9.29 -9.85 28.49
N GLY A 146 9.15 -10.36 27.27
CA GLY A 146 7.87 -10.30 26.64
C GLY A 146 7.75 -11.29 25.50
N ILE A 147 6.64 -11.17 24.78
CA ILE A 147 6.33 -12.07 23.68
C ILE A 147 5.40 -11.34 22.74
N GLY A 148 5.51 -11.62 21.45
CA GLY A 148 4.65 -10.97 20.49
C GLY A 148 4.50 -11.79 19.22
N LYS A 149 3.60 -11.31 18.36
CA LYS A 149 3.28 -11.95 17.09
C LYS A 149 3.73 -11.02 15.97
N PRO A 150 4.94 -11.17 15.45
CA PRO A 150 5.49 -10.17 14.52
C PRO A 150 4.68 -9.99 13.26
N TYR A 151 3.97 -11.02 12.79
CA TYR A 151 3.18 -10.88 11.58
C TYR A 151 1.80 -10.30 11.84
N GLU A 152 1.38 -10.21 13.09
CA GLU A 152 0.12 -9.55 13.44
C GLU A 152 0.33 -8.16 14.02
N GLY A 153 1.57 -7.74 14.20
CA GLY A 153 1.89 -6.42 14.71
C GLY A 153 1.62 -6.18 16.17
N THR A 154 1.57 -7.25 17.00
CA THR A 154 1.24 -7.11 18.41
C THR A 154 2.36 -7.65 19.29
N GLN A 155 2.44 -7.12 20.50
CA GLN A 155 3.46 -7.56 21.45
C GLN A 155 3.10 -7.09 22.86
N THR A 156 3.58 -7.82 23.86
CA THR A 156 3.36 -7.50 25.25
C THR A 156 4.68 -7.68 26.00
N LEU A 157 4.96 -6.75 26.91
CA LEU A 157 6.19 -6.72 27.66
C LEU A 157 5.88 -6.57 29.14
N ASP A 158 6.65 -7.27 29.98
CA ASP A 158 6.66 -7.05 31.42
C ASP A 158 7.99 -6.40 31.80
N LEU A 159 7.91 -5.19 32.36
CA LEU A 159 9.08 -4.37 32.67
C LEU A 159 9.23 -4.22 34.18
N THR A 160 10.48 -4.32 34.67
CA THR A 160 10.80 -4.12 36.08
C THR A 160 11.98 -3.17 36.22
N VAL A 161 11.77 -2.11 37.01
CA VAL A 161 12.86 -1.19 37.34
C VAL A 161 13.85 -1.90 38.24
N GLU A 162 15.11 -1.98 37.79
CA GLU A 162 16.14 -2.65 38.56
C GLU A 162 17.04 -1.69 39.34
N GLU A 163 17.23 -0.47 38.85
CA GLU A 163 18.02 0.56 39.53
C GLU A 163 17.32 1.91 39.37
N GLY A 164 17.44 2.75 40.39
CA GLY A 164 16.85 4.08 40.33
C GLY A 164 15.40 4.16 40.75
N ALA A 165 14.85 3.10 41.40
CA ALA A 165 13.48 3.05 41.89
C ALA A 165 13.35 3.88 43.17
N PRO A 166 12.25 4.64 43.33
CA PRO A 166 11.17 4.84 42.36
C PRO A 166 11.49 5.96 41.36
N LEU A 167 11.10 5.80 40.10
CA LEU A 167 11.40 6.83 39.11
C LEU A 167 10.65 8.12 39.44
N PRO A 168 11.31 9.26 39.36
CA PRO A 168 10.65 10.56 39.62
C PRO A 168 10.01 11.21 38.41
N PHE A 169 10.02 10.57 37.25
CA PHE A 169 9.46 11.14 36.04
C PHE A 169 8.36 10.23 35.51
N SER A 170 7.58 10.77 34.59
CA SER A 170 6.49 10.00 34.02
C SER A 170 7.03 8.82 33.22
N TYR A 171 6.50 7.62 33.50
CA TYR A 171 6.98 6.43 32.82
C TYR A 171 6.65 6.46 31.33
N ASP A 172 5.60 7.21 30.96
CA ASP A 172 5.15 7.26 29.58
C ASP A 172 6.24 7.74 28.62
N ILE A 173 7.17 8.58 29.08
CA ILE A 173 8.23 9.00 28.17
C ILE A 173 9.15 7.86 27.76
N LEU A 174 9.13 6.72 28.45
CA LEU A 174 10.00 5.60 28.13
C LEU A 174 9.38 4.59 27.18
N THR A 175 8.05 4.50 27.14
CA THR A 175 7.43 3.29 26.63
C THR A 175 7.69 3.12 25.12
N PRO A 176 7.75 4.18 24.31
CA PRO A 176 8.11 3.96 22.88
C PRO A 176 9.55 3.52 22.67
N ALA A 177 10.44 3.61 23.67
CA ALA A 177 11.77 3.03 23.53
C ALA A 177 11.79 1.54 23.79
N PHE A 178 10.80 1.02 24.52
CA PHE A 178 10.68 -0.43 24.73
C PHE A 178 10.06 -1.08 23.50
N1 CRQ A 179 8.96 -0.65 22.83
CA1 CRQ A 179 8.03 -0.55 21.95
CB1 CRQ A 179 6.67 -1.26 22.16
CG1 CRQ A 179 6.81 -2.15 23.41
C1 CRQ A 179 8.27 0.37 20.77
N2 CRQ A 179 7.29 1.21 20.24
N3 CRQ A 179 9.54 0.49 20.10
C2 CRQ A 179 9.31 1.50 19.09
O2 CRQ A 179 10.10 1.92 18.28
CA2 CRQ A 179 7.86 1.94 19.21
CA3 CRQ A 179 10.80 -0.19 20.39
CB2 CRQ A 179 7.29 2.88 18.40
CG2 CRQ A 179 6.00 3.65 18.70
CD1 CRQ A 179 5.04 3.17 19.58
CD2 CRQ A 179 5.78 4.84 18.03
CE1 CRQ A 179 3.89 3.89 19.81
CE2 CRQ A 179 4.62 5.56 18.24
CZ CRQ A 179 3.67 5.09 19.14
OH CRQ A 179 2.47 5.83 19.37
OE1 CRQ A 179 4.48 -1.90 23.95
C3 CRQ A 179 11.35 -1.08 19.28
O3 CRQ A 179 12.53 -1.53 19.43
CD3 CRQ A 179 5.43 -2.65 23.89
NE1 CRQ A 179 5.26 -4.03 24.25
N ASN A 180 10.54 -1.86 18.74
CA ASN A 180 11.00 -2.81 17.72
C ASN A 180 10.00 -3.00 16.60
N ARG A 181 10.31 -2.44 15.44
CA ARG A 181 9.40 -2.43 14.32
C ARG A 181 9.29 -3.77 13.60
N ALA A 182 10.12 -4.77 13.95
CA ALA A 182 9.83 -6.14 13.53
C ALA A 182 8.44 -6.60 13.96
N PHE A 183 7.91 -6.02 15.04
CA PHE A 183 6.53 -6.26 15.45
C PHE A 183 5.60 -5.24 14.78
N THR A 184 5.46 -5.37 13.46
CA THR A 184 4.53 -4.58 12.66
C THR A 184 3.91 -5.48 11.60
N LYS A 185 2.60 -5.38 11.43
CA LYS A 185 1.94 -6.09 10.34
C LYS A 185 2.22 -5.35 9.04
N TYR A 186 2.94 -6.00 8.12
CA TYR A 186 3.26 -5.42 6.81
C TYR A 186 2.45 -6.11 5.72
N PRO A 187 1.68 -5.37 4.92
CA PRO A 187 0.99 -5.99 3.78
C PRO A 187 2.00 -6.47 2.74
N GLU A 188 1.56 -7.45 1.94
CA GLU A 188 2.49 -8.20 1.09
C GLU A 188 3.20 -7.34 0.06
N ASP A 189 2.60 -6.22 -0.35
CA ASP A 189 3.15 -5.38 -1.41
C ASP A 189 4.00 -4.22 -0.89
N ILE A 190 4.29 -4.17 0.41
CA ILE A 190 5.25 -3.21 0.96
C ILE A 190 6.47 -3.99 1.46
N PRO A 191 7.67 -3.71 0.94
CA PRO A 191 8.87 -4.38 1.46
C PRO A 191 9.01 -4.13 2.97
N ASP A 192 9.30 -5.21 3.69
CA ASP A 192 9.38 -5.16 5.15
C ASP A 192 10.85 -4.99 5.53
N TYR A 193 11.25 -3.73 5.79
CA TYR A 193 12.65 -3.45 6.10
C TYR A 193 13.12 -4.21 7.33
N PHE A 194 12.24 -4.36 8.33
CA PHE A 194 12.68 -4.81 9.64
C PHE A 194 12.81 -6.32 9.70
N LYS A 195 11.79 -7.04 9.23
CA LYS A 195 11.89 -8.50 9.22
C LYS A 195 13.02 -8.98 8.32
N GLN A 196 13.21 -8.32 7.17
CA GLN A 196 14.31 -8.66 6.27
C GLN A 196 15.68 -8.42 6.90
N ALA A 197 15.76 -7.65 7.98
CA ALA A 197 17.06 -7.37 8.59
C ALA A 197 17.59 -8.55 9.40
N PHE A 198 16.76 -9.53 9.69
CA PHE A 198 17.19 -10.59 10.57
C PHE A 198 17.64 -11.82 9.76
N PRO A 199 18.41 -12.73 10.38
CA PRO A 199 18.84 -12.86 11.78
C PRO A 199 19.90 -11.87 12.30
N GLU A 200 20.49 -11.03 11.45
CA GLU A 200 21.54 -10.13 11.93
C GLU A 200 20.96 -9.03 12.81
N GLY A 201 19.88 -8.40 12.37
CA GLY A 201 19.18 -7.40 13.14
C GLY A 201 19.43 -6.00 12.61
N TYR A 202 19.04 -5.03 13.43
CA TYR A 202 19.15 -3.63 13.07
C TYR A 202 19.23 -2.80 14.34
N SER A 203 19.44 -1.50 14.18
CA SER A 203 19.47 -0.58 15.30
C SER A 203 18.70 0.69 14.93
N TRP A 204 18.33 1.45 15.95
CA TRP A 204 17.68 2.73 15.70
C TRP A 204 18.18 3.78 16.68
N GLU A 205 18.26 5.01 16.19
CA GLU A 205 18.52 6.21 16.97
C GLU A 205 17.29 7.08 16.90
N ARG A 206 16.93 7.73 18.01
CA ARG A 206 15.71 8.51 18.04
C ARG A 206 15.92 9.78 18.85
N SER A 207 15.30 10.87 18.39
CA SER A 207 15.22 12.09 19.17
C SER A 207 13.75 12.39 19.47
N MET A 208 13.47 12.87 20.67
CA MET A 208 12.11 13.20 21.06
C MET A 208 12.12 14.59 21.66
N THR A 209 11.52 15.54 20.94
CA THR A 209 11.54 16.95 21.29
C THR A 209 10.16 17.34 21.77
N TYR A 210 10.02 17.58 23.07
CA TYR A 210 8.74 17.92 23.66
C TYR A 210 8.48 19.42 23.57
N GLU A 211 7.21 19.80 23.72
CA GLU A 211 6.82 21.19 23.47
C GLU A 211 7.27 22.17 24.56
N ASP A 212 7.67 21.70 25.75
CA ASP A 212 8.25 22.56 26.77
C ASP A 212 9.77 22.48 26.81
N GLN A 213 10.40 22.03 25.70
CA GLN A 213 11.84 21.97 25.48
C GLN A 213 12.53 20.84 26.26
N GLY A 214 11.78 19.94 26.89
CA GLY A 214 12.38 18.69 27.32
C GLY A 214 12.76 17.86 26.10
N ILE A 215 13.93 17.24 26.15
CA ILE A 215 14.46 16.48 25.02
C ILE A 215 14.92 15.13 25.51
N CYS A 216 14.53 14.07 24.79
CA CYS A 216 15.06 12.74 25.01
C CYS A 216 15.77 12.23 23.76
N ILE A 217 16.84 11.48 24.00
CA ILE A 217 17.58 10.79 22.96
C ILE A 217 17.68 9.32 23.38
N ALA A 218 17.33 8.43 22.48
CA ALA A 218 17.45 7.00 22.76
C ALA A 218 18.07 6.29 21.57
N THR A 219 18.78 5.20 21.88
CA THR A 219 19.27 4.25 20.88
C THR A 219 18.92 2.85 21.34
N SER A 220 18.79 1.94 20.38
CA SER A 220 18.50 0.53 20.65
C SER A 220 19.21 -0.34 19.62
N ASP A 221 19.89 -1.38 20.08
CA ASP A 221 20.54 -2.36 19.22
C ASP A 221 19.78 -3.68 19.34
N ILE A 222 19.24 -4.18 18.24
CA ILE A 222 18.28 -5.27 18.26
C ILE A 222 18.89 -6.47 17.54
N THR A 223 19.06 -7.57 18.27
CA THR A 223 19.62 -8.81 17.75
C THR A 223 18.64 -9.94 17.98
N MET A 224 18.95 -11.11 17.42
CA MET A 224 18.06 -12.25 17.59
C MET A 224 18.89 -13.53 17.59
N GLU A 225 18.44 -14.49 18.40
CA GLU A 225 18.90 -15.87 18.28
C GLU A 225 17.73 -16.78 18.61
N GLY A 226 17.49 -17.75 17.72
CA GLY A 226 16.36 -18.64 17.91
C GLY A 226 15.08 -17.87 17.72
N ASP A 227 14.19 -17.96 18.70
CA ASP A 227 12.89 -17.33 18.65
C ASP A 227 12.78 -16.18 19.65
N CYS A 228 13.88 -15.48 19.89
CA CYS A 228 13.96 -14.43 20.89
C CYS A 228 14.72 -13.24 20.33
N PHE A 229 14.11 -12.05 20.41
CA PHE A 229 14.78 -10.78 20.17
C PHE A 229 15.46 -10.29 21.44
N PHE A 230 16.62 -9.66 21.26
CA PHE A 230 17.36 -9.04 22.37
C PHE A 230 17.60 -7.57 22.07
N TYR A 231 17.17 -6.69 22.98
CA TYR A 231 17.39 -5.25 22.86
C TYR A 231 18.38 -4.78 23.91
N GLU A 232 19.30 -3.90 23.50
CA GLU A 232 20.16 -3.13 24.39
C GLU A 232 19.81 -1.67 24.16
N ILE A 233 19.18 -1.04 25.14
CA ILE A 233 18.59 0.29 24.98
C ILE A 233 19.34 1.28 25.87
N ARG A 234 19.66 2.44 25.30
CA ARG A 234 20.22 3.58 26.03
C ARG A 234 19.21 4.71 25.96
N PHE A 235 18.90 5.33 27.10
CA PHE A 235 17.88 6.39 27.11
C PHE A 235 18.37 7.59 27.90
N ASP A 236 18.27 8.79 27.32
CA ASP A 236 18.67 10.01 28.04
C ASP A 236 17.68 11.15 27.80
N GLY A 237 17.35 11.87 28.87
CA GLY A 237 16.49 13.03 28.74
C GLY A 237 16.91 14.17 29.64
N THR A 238 16.80 15.43 29.18
CA THR A 238 17.11 16.56 30.03
C THR A 238 16.12 17.69 29.80
N ASN A 239 16.27 18.73 30.61
CA ASN A 239 15.54 19.99 30.53
C ASN A 239 14.05 19.83 30.70
N PHE A 240 13.59 18.80 31.38
CA PHE A 240 12.19 18.72 31.71
C PHE A 240 11.90 19.67 32.88
N PRO A 241 11.04 20.65 32.72
CA PRO A 241 10.83 21.62 33.80
C PRO A 241 10.23 20.93 35.03
N PRO A 242 10.55 21.43 36.22
CA PRO A 242 10.15 20.70 37.44
C PRO A 242 8.65 20.70 37.70
N ASN A 243 7.89 21.65 37.15
CA ASN A 243 6.44 21.66 37.27
C ASN A 243 5.73 21.22 36.00
N GLY A 244 6.45 20.63 35.06
CA GLY A 244 5.82 20.11 33.86
C GLY A 244 5.17 18.77 34.10
N PRO A 245 4.39 18.33 33.11
CA PRO A 245 3.66 17.04 33.27
C PRO A 245 4.57 15.84 33.45
N VAL A 246 5.80 15.88 32.93
CA VAL A 246 6.70 14.74 33.06
C VAL A 246 7.18 14.58 34.50
N MET A 247 7.85 15.61 35.04
CA MET A 247 8.35 15.51 36.41
C MET A 247 7.24 15.48 37.45
N GLN A 248 6.05 16.02 37.14
CA GLN A 248 4.91 15.93 38.04
C GLN A 248 4.06 14.70 37.80
N LYS A 249 4.41 13.86 36.82
CA LYS A 249 3.70 12.60 36.55
C LYS A 249 2.22 12.84 36.27
N LYS A 250 1.94 13.71 35.30
CA LYS A 250 0.57 14.08 34.95
C LYS A 250 0.12 13.51 33.62
N THR A 251 0.88 12.57 33.04
CA THR A 251 0.48 11.97 31.77
C THR A 251 -0.35 10.72 32.02
N LEU A 252 -1.28 10.44 31.11
CA LEU A 252 -2.18 9.30 31.21
C LEU A 252 -1.86 8.23 30.16
N LYS A 253 -1.65 8.63 28.91
CA LYS A 253 -1.42 7.67 27.83
C LYS A 253 -0.98 8.43 26.59
N TRP A 254 -0.26 7.73 25.71
CA TRP A 254 -0.05 8.21 24.36
C TRP A 254 -1.31 8.05 23.55
N GLU A 255 -1.64 9.08 22.77
CA GLU A 255 -2.67 8.94 21.76
C GLU A 255 -2.18 8.06 20.60
N PRO A 256 -3.09 7.40 19.91
CA PRO A 256 -2.69 6.66 18.70
C PRO A 256 -2.04 7.60 17.70
N SER A 257 -1.07 7.07 16.94
CA SER A 257 -0.25 7.90 16.07
C SER A 257 -0.04 7.21 14.73
N THR A 258 0.48 8.00 13.79
CA THR A 258 0.83 7.53 12.45
C THR A 258 2.26 7.97 12.16
N GLU A 259 3.18 7.03 12.10
CA GLU A 259 4.56 7.32 11.77
C GLU A 259 4.72 7.32 10.26
N LYS A 260 5.40 8.34 9.74
CA LYS A 260 5.70 8.40 8.32
C LYS A 260 7.09 7.81 8.07
N MET A 261 7.15 6.75 7.27
CA MET A 261 8.40 6.08 6.92
C MET A 261 8.89 6.58 5.57
N TYR A 262 10.18 6.87 5.48
CA TYR A 262 10.76 7.26 4.20
C TYR A 262 12.24 6.94 4.21
N VAL A 263 12.80 6.89 3.00
CA VAL A 263 14.19 6.54 2.77
C VAL A 263 15.00 7.81 2.52
N GLU A 264 16.16 7.90 3.16
CA GLU A 264 17.07 9.02 3.01
C GLU A 264 18.46 8.52 3.40
N ASP A 265 19.47 8.94 2.64
CA ASP A 265 20.87 8.57 2.92
C ASP A 265 21.07 7.06 3.02
N GLY A 266 20.24 6.28 2.32
CA GLY A 266 20.40 4.85 2.28
C GLY A 266 19.77 4.08 3.44
N VAL A 267 19.20 4.77 4.42
CA VAL A 267 18.54 4.08 5.52
C VAL A 267 17.08 4.48 5.58
N LEU A 268 16.33 3.87 6.49
CA LEU A 268 14.92 4.15 6.67
C LEU A 268 14.75 5.11 7.84
N LYS A 269 13.97 6.16 7.64
CA LYS A 269 13.71 7.16 8.67
C LYS A 269 12.22 7.21 8.98
N GLY A 270 11.91 7.50 10.25
CA GLY A 270 10.54 7.68 10.68
C GLY A 270 10.30 9.00 11.41
N ASP A 271 9.22 9.69 11.06
CA ASP A 271 8.81 10.93 11.71
C ASP A 271 7.37 10.76 12.21
N VAL A 272 7.14 11.02 13.49
CA VAL A 272 5.80 10.91 14.04
C VAL A 272 5.56 12.04 15.03
N GLU A 273 4.46 12.77 14.85
CA GLU A 273 3.99 13.70 15.87
C GLU A 273 3.23 12.92 16.93
N MET A 274 3.64 13.09 18.18
CA MET A 274 3.08 12.32 19.28
C MET A 274 2.38 13.26 20.25
N ALA A 275 1.47 12.72 21.04
CA ALA A 275 0.77 13.56 22.00
C ALA A 275 0.40 12.72 23.21
N LEU A 276 0.81 13.18 24.37
CA LEU A 276 0.40 12.56 25.62
C LEU A 276 -0.88 13.22 26.10
N LEU A 277 -1.87 12.40 26.45
CA LEU A 277 -3.03 12.93 27.17
C LEU A 277 -2.63 13.22 28.61
N LEU A 278 -3.21 14.27 29.19
CA LEU A 278 -2.86 14.71 30.54
C LEU A 278 -4.07 14.64 31.46
N GLU A 279 -3.80 14.52 32.75
CA GLU A 279 -4.88 14.72 33.72
C GLU A 279 -5.46 16.12 33.52
N GLY A 280 -6.78 16.21 33.46
CA GLY A 280 -7.45 17.46 33.19
C GLY A 280 -7.86 17.66 31.74
N GLY A 281 -7.27 16.91 30.81
CA GLY A 281 -7.77 16.86 29.45
C GLY A 281 -6.88 17.47 28.39
N GLY A 282 -5.84 18.23 28.73
CA GLY A 282 -4.98 18.76 27.70
C GLY A 282 -4.08 17.68 27.10
N HIS A 283 -3.17 18.14 26.24
CA HIS A 283 -2.17 17.27 25.64
C HIS A 283 -0.79 17.86 25.76
N TYR A 284 0.20 16.98 25.70
CA TYR A 284 1.61 17.28 25.80
C TYR A 284 2.26 16.70 24.54
N ARG A 285 2.77 17.57 23.68
CA ARG A 285 3.13 17.15 22.33
C ARG A 285 4.64 16.94 22.21
N CYS A 286 5.02 16.18 21.18
CA CYS A 286 6.37 15.69 21.03
C CYS A 286 6.56 15.30 19.58
N ASP A 287 7.72 15.66 19.01
CA ASP A 287 8.09 15.20 17.68
C ASP A 287 9.18 14.13 17.82
N PHE A 288 8.93 12.95 17.26
CA PHE A 288 9.89 11.86 17.21
C PHE A 288 10.57 11.87 15.84
N LYS A 289 11.88 11.66 15.84
CA LYS A 289 12.64 11.47 14.61
C LYS A 289 13.54 10.27 14.80
N THR A 290 13.28 9.21 14.05
CA THR A 290 14.01 7.97 14.20
C THR A 290 14.78 7.69 12.92
N THR A 291 15.97 7.14 13.09
CA THR A 291 16.75 6.56 11.99
C THR A 291 16.87 5.07 12.25
N TYR A 292 16.46 4.26 11.27
CA TYR A 292 16.55 2.80 11.36
C TYR A 292 17.62 2.30 10.40
N LYS A 293 18.50 1.43 10.90
CA LYS A 293 19.68 0.97 10.16
C LYS A 293 19.77 -0.55 10.26
N ALA A 294 19.48 -1.25 9.17
CA ALA A 294 19.73 -2.69 9.13
C ALA A 294 21.23 -2.97 9.06
N LYS A 295 21.66 -4.04 9.73
CA LYS A 295 23.07 -4.42 9.76
C LYS A 295 23.56 -5.07 8.47
N LYS A 296 22.67 -5.37 7.53
CA LYS A 296 23.04 -5.91 6.23
C LYS A 296 22.18 -5.24 5.17
N ASP A 297 22.60 -5.39 3.90
CA ASP A 297 21.80 -4.87 2.80
C ASP A 297 20.44 -5.53 2.75
N VAL A 298 19.38 -4.73 2.82
CA VAL A 298 18.02 -5.22 2.62
C VAL A 298 17.34 -4.34 1.58
N ARG A 299 16.17 -4.79 1.14
CA ARG A 299 15.39 -4.08 0.14
C ARG A 299 14.71 -2.87 0.79
N LEU A 300 15.10 -1.68 0.36
CA LEU A 300 14.50 -0.47 0.89
C LEU A 300 13.06 -0.32 0.36
N PRO A 301 12.13 0.13 1.20
CA PRO A 301 10.75 0.31 0.76
C PRO A 301 10.49 1.72 0.23
N ASP A 302 9.33 1.86 -0.42
CA ASP A 302 8.84 3.19 -0.73
C ASP A 302 8.23 3.81 0.52
N ALA A 303 7.99 5.12 0.45
CA ALA A 303 7.35 5.83 1.54
C ALA A 303 6.01 5.17 1.89
N HIS A 304 5.76 5.04 3.18
CA HIS A 304 4.52 4.46 3.68
C HIS A 304 4.33 4.96 5.11
N GLU A 305 3.31 4.45 5.79
CA GLU A 305 2.97 4.88 7.12
C GLU A 305 2.81 3.67 8.02
N VAL A 306 3.12 3.85 9.30
CA VAL A 306 2.88 2.85 10.32
C VAL A 306 1.98 3.49 11.38
N ASP A 307 0.83 2.88 11.63
CA ASP A 307 -0.07 3.30 12.68
C ASP A 307 0.29 2.57 13.97
N HIS A 308 0.25 3.29 15.10
CA HIS A 308 0.66 2.76 16.39
C HIS A 308 -0.40 2.97 17.46
N ARG A 309 -0.55 1.99 18.33
CA ARG A 309 -1.27 2.17 19.58
C ARG A 309 -0.43 1.49 20.67
N ILE A 310 -0.13 2.23 21.74
CA ILE A 310 0.69 1.72 22.82
C ILE A 310 -0.01 2.06 24.14
N GLU A 311 -0.10 1.09 25.04
CA GLU A 311 -0.76 1.34 26.31
C GLU A 311 -0.16 0.49 27.42
N ILE A 312 -0.14 1.07 28.63
CA ILE A 312 0.20 0.35 29.84
C ILE A 312 -1.03 -0.42 30.29
N LEU A 313 -0.94 -1.75 30.29
CA LEU A 313 -2.08 -2.57 30.70
C LEU A 313 -2.22 -2.69 32.22
N SER A 314 -1.12 -2.56 32.96
CA SER A 314 -1.16 -2.68 34.41
C SER A 314 0.15 -2.15 34.98
N HIS A 315 0.11 -1.80 36.26
CA HIS A 315 1.31 -1.27 36.92
C HIS A 315 1.07 -1.25 38.41
N ASP A 316 2.16 -1.19 39.17
CA ASP A 316 2.07 -0.99 40.60
C ASP A 316 2.10 0.52 40.85
N LYS A 317 2.14 0.93 42.12
CA LYS A 317 1.95 2.35 42.43
C LYS A 317 3.09 3.20 41.85
N ASP A 318 4.33 2.71 41.95
CA ASP A 318 5.52 3.46 41.54
C ASP A 318 6.00 3.13 40.14
N TYR A 319 5.27 2.28 39.40
CA TYR A 319 5.65 1.83 38.06
C TYR A 319 6.98 1.04 38.10
N ASN A 320 7.29 0.46 39.26
CA ASN A 320 8.37 -0.52 39.34
C ASN A 320 8.06 -1.78 38.52
N LYS A 321 6.77 -2.12 38.38
CA LYS A 321 6.31 -3.24 37.57
C LYS A 321 5.31 -2.71 36.56
N VAL A 322 5.53 -2.95 35.28
CA VAL A 322 4.69 -2.42 34.22
C VAL A 322 4.46 -3.52 33.18
N ARG A 323 3.22 -3.66 32.73
CA ARG A 323 2.91 -4.48 31.57
C ARG A 323 2.50 -3.56 30.42
N LEU A 324 3.10 -3.77 29.25
CA LEU A 324 3.07 -2.80 28.17
C LEU A 324 2.70 -3.49 26.86
N TYR A 325 1.76 -2.91 26.12
CA TYR A 325 1.23 -3.50 24.90
C TYR A 325 1.37 -2.52 23.75
N GLU A 326 1.73 -3.04 22.56
CA GLU A 326 1.76 -2.23 21.36
C GLU A 326 1.13 -2.99 20.20
N HIS A 327 0.48 -2.23 19.32
CA HIS A 327 -0.11 -2.74 18.10
C HIS A 327 0.31 -1.80 16.98
N ALA A 328 0.85 -2.36 15.91
CA ALA A 328 1.42 -1.53 14.84
C ALA A 328 1.11 -2.16 13.49
N GLU A 329 0.80 -1.32 12.51
CA GLU A 329 0.43 -1.83 11.20
C GLU A 329 0.82 -0.84 10.11
N ALA A 330 1.44 -1.35 9.05
CA ALA A 330 1.91 -0.52 7.95
C ALA A 330 0.89 -0.48 6.81
N ARG A 331 0.90 0.63 6.08
CA ARG A 331 -0.01 0.85 4.95
C ARG A 331 0.49 2.03 4.14
N TYR A 332 -0.06 2.17 2.94
CA TYR A 332 0.13 3.39 2.16
C TYR A 332 -0.89 4.45 2.57
N SER A 333 -0.54 5.71 2.34
CA SER A 333 -1.28 6.80 2.96
C SER A 333 -2.49 7.27 2.14
N GLY A 334 -2.28 7.52 0.85
CA GLY A 334 -3.23 8.33 0.07
C GLY A 334 -4.68 7.91 0.19
N GLY A 335 -4.95 6.62 0.20
CA GLY A 335 -6.32 6.14 0.18
C GLY A 335 -6.70 5.60 -1.19
N GLY A 338 -8.98 2.29 -5.17
CA GLY A 338 -8.61 1.35 -6.21
C GLY A 338 -8.17 1.97 -7.53
N SER A 339 -8.45 3.26 -7.71
CA SER A 339 -8.22 3.94 -8.99
C SER A 339 -6.73 4.10 -9.28
N SER A 340 -6.42 4.29 -10.57
CA SER A 340 -5.05 4.45 -11.03
C SER A 340 -4.94 5.67 -11.94
N SER A 341 -3.73 6.24 -11.99
CA SER A 341 -3.43 7.36 -12.86
C SER A 341 -1.93 7.41 -13.09
N GLY A 342 -1.54 8.21 -14.09
CA GLY A 342 -0.14 8.48 -14.37
C GLY A 342 0.18 9.96 -14.32
N THR A 343 -0.77 10.77 -13.84
CA THR A 343 -0.59 12.21 -13.68
C THR A 343 -1.23 12.70 -12.38
N GLN A 344 -2.23 13.61 -12.48
CA GLN A 344 -2.89 14.17 -11.29
C GLN A 344 -4.41 14.30 -11.46
N VAL A 345 -5.02 13.61 -12.43
CA VAL A 345 -6.45 13.65 -12.66
C VAL A 345 -7.09 12.47 -11.96
N GLN A 346 -8.31 12.67 -11.46
CA GLN A 346 -9.05 11.66 -10.71
C GLN A 346 -10.34 11.30 -11.43
N LEU A 347 -10.72 10.03 -11.34
CA LEU A 347 -11.99 9.53 -11.85
C LEU A 347 -12.68 8.74 -10.76
N VAL A 348 -13.94 9.06 -10.49
CA VAL A 348 -14.75 8.28 -9.55
C VAL A 348 -16.07 7.90 -10.23
N GLU A 349 -16.34 6.60 -10.34
CA GLU A 349 -17.58 6.09 -10.89
C GLU A 349 -18.63 5.94 -9.80
N SER A 350 -19.89 6.07 -10.20
CA SER A 350 -21.00 5.87 -9.28
C SER A 350 -22.15 5.24 -10.05
N GLY A 351 -23.15 4.78 -9.31
CA GLY A 351 -24.36 4.27 -9.92
C GLY A 351 -24.48 2.76 -9.98
N GLY A 352 -23.47 2.02 -9.52
CA GLY A 352 -23.59 0.58 -9.48
C GLY A 352 -24.65 0.13 -8.50
N GLY A 353 -25.24 -1.02 -8.79
CA GLY A 353 -26.26 -1.54 -7.91
C GLY A 353 -26.85 -2.83 -8.42
N LEU A 354 -27.93 -3.23 -7.76
CA LEU A 354 -28.61 -4.49 -8.01
C LEU A 354 -29.80 -4.23 -8.93
N VAL A 355 -29.89 -4.99 -10.02
CA VAL A 355 -31.02 -4.94 -10.93
C VAL A 355 -31.48 -6.36 -11.24
N GLN A 356 -32.74 -6.51 -11.57
CA GLN A 356 -33.21 -7.78 -12.08
C GLN A 356 -32.90 -7.89 -13.58
N PRO A 357 -32.88 -9.12 -14.12
CA PRO A 357 -32.65 -9.28 -15.56
C PRO A 357 -33.67 -8.49 -16.38
N GLY A 358 -33.19 -7.89 -17.46
CA GLY A 358 -34.01 -7.03 -18.29
C GLY A 358 -34.11 -5.61 -17.79
N GLY A 359 -33.70 -5.35 -16.54
CA GLY A 359 -33.74 -4.02 -15.99
C GLY A 359 -32.73 -3.10 -16.66
N SER A 360 -32.76 -1.84 -16.21
CA SER A 360 -31.87 -0.83 -16.73
C SER A 360 -31.14 -0.15 -15.59
N LEU A 361 -29.93 0.34 -15.89
CA LEU A 361 -29.11 1.03 -14.92
C LEU A 361 -28.31 2.09 -15.68
N ARG A 362 -28.10 3.24 -15.03
CA ARG A 362 -27.32 4.33 -15.60
C ARG A 362 -26.11 4.58 -14.71
N LEU A 363 -24.92 4.38 -15.26
CA LEU A 363 -23.67 4.65 -14.56
C LEU A 363 -23.14 6.04 -14.96
N SER A 364 -22.39 6.64 -14.05
CA SER A 364 -21.75 7.91 -14.37
C SER A 364 -20.41 8.01 -13.64
N CYS A 365 -19.48 8.70 -14.28
CA CYS A 365 -18.16 8.96 -13.72
C CYS A 365 -17.91 10.46 -13.69
N ALA A 366 -17.23 10.93 -12.65
CA ALA A 366 -16.87 12.33 -12.50
C ALA A 366 -15.38 12.49 -12.70
N ALA A 367 -14.99 13.50 -13.49
CA ALA A 367 -13.60 13.77 -13.78
C ALA A 367 -13.19 15.09 -13.15
N SER A 368 -11.92 15.16 -12.72
CA SER A 368 -11.43 16.33 -12.01
C SER A 368 -9.91 16.37 -12.14
N GLY A 369 -9.36 17.57 -12.26
CA GLY A 369 -7.94 17.73 -12.35
C GLY A 369 -7.39 17.64 -13.76
N LEU A 370 -8.19 17.95 -14.77
CA LEU A 370 -7.74 17.97 -16.16
C LEU A 370 -8.74 18.77 -16.98
N THR A 371 -8.59 18.72 -18.29
CA THR A 371 -9.60 19.21 -19.22
C THR A 371 -10.30 17.97 -19.78
N PHE A 372 -11.45 17.64 -19.17
CA PHE A 372 -12.19 16.45 -19.53
C PHE A 372 -12.60 16.44 -20.99
N SER A 373 -12.92 17.61 -21.55
CA SER A 373 -13.33 17.70 -22.94
C SER A 373 -12.18 17.49 -23.92
N ASN A 374 -10.96 17.27 -23.41
CA ASN A 374 -9.78 17.19 -24.26
C ASN A 374 -9.38 15.77 -24.63
N TYR A 375 -10.01 14.75 -24.04
CA TYR A 375 -9.58 13.37 -24.25
C TYR A 375 -10.80 12.48 -24.47
N ALA A 376 -10.57 11.37 -25.16
CA ALA A 376 -11.58 10.35 -25.34
C ALA A 376 -11.67 9.49 -24.09
N MET A 377 -12.85 8.91 -23.87
CA MET A 377 -13.13 8.19 -22.64
C MET A 377 -13.69 6.81 -22.96
N ASN A 378 -13.46 5.87 -22.05
CA ASN A 378 -13.83 4.48 -22.25
C ASN A 378 -14.53 3.91 -21.03
N TRP A 379 -15.34 2.89 -21.26
CA TRP A 379 -15.83 2.02 -20.20
C TRP A 379 -15.24 0.62 -20.41
N VAL A 380 -14.70 0.06 -19.35
CA VAL A 380 -14.15 -1.28 -19.33
C VAL A 380 -14.80 -2.00 -18.16
N ARG A 381 -15.13 -3.27 -18.34
CA ARG A 381 -15.78 -4.00 -17.25
C ARG A 381 -14.98 -5.25 -16.93
N GLN A 382 -15.21 -5.78 -15.73
CA GLN A 382 -14.52 -7.00 -15.29
C GLN A 382 -15.49 -7.87 -14.51
N ALA A 383 -16.00 -8.91 -15.15
CA ALA A 383 -16.91 -9.84 -14.47
C ALA A 383 -16.18 -10.57 -13.34
N PRO A 384 -16.90 -10.97 -12.28
CA PRO A 384 -16.24 -11.65 -11.16
C PRO A 384 -15.42 -12.84 -11.61
N GLY A 385 -14.14 -12.84 -11.27
CA GLY A 385 -13.23 -13.91 -11.64
C GLY A 385 -12.70 -13.84 -13.06
N LYS A 386 -13.08 -12.84 -13.84
CA LYS A 386 -12.75 -12.79 -15.26
C LYS A 386 -11.77 -11.65 -15.54
N GLY A 387 -11.43 -11.51 -16.82
CA GLY A 387 -10.49 -10.50 -17.26
C GLY A 387 -11.18 -9.22 -17.69
N LEU A 388 -10.37 -8.24 -18.10
CA LEU A 388 -10.90 -6.97 -18.57
C LEU A 388 -11.59 -7.14 -19.90
N GLU A 389 -12.69 -6.43 -20.09
CA GLU A 389 -13.46 -6.47 -21.34
C GLU A 389 -13.84 -5.04 -21.71
N TRP A 390 -13.45 -4.61 -22.90
CA TRP A 390 -13.75 -3.26 -23.31
C TRP A 390 -15.21 -3.14 -23.72
N VAL A 391 -15.88 -2.10 -23.22
CA VAL A 391 -17.33 -1.96 -23.40
C VAL A 391 -17.65 -0.92 -24.48
N SER A 392 -17.24 0.32 -24.24
CA SER A 392 -17.65 1.41 -25.11
C SER A 392 -16.59 2.50 -25.08
N SER A 393 -16.63 3.36 -26.10
CA SER A 393 -15.68 4.45 -26.23
C SER A 393 -16.39 5.65 -26.82
N ILE A 394 -15.92 6.84 -26.46
CA ILE A 394 -16.52 8.07 -26.95
C ILE A 394 -15.41 9.08 -27.26
N SER A 395 -15.57 9.79 -28.37
CA SER A 395 -14.62 10.84 -28.72
C SER A 395 -14.83 12.05 -27.81
N SER A 396 -13.79 12.89 -27.75
CA SER A 396 -13.75 13.97 -26.76
C SER A 396 -14.97 14.89 -26.86
N ARG A 397 -15.38 15.25 -28.08
CA ARG A 397 -16.58 16.07 -28.22
C ARG A 397 -17.87 15.28 -28.03
N GLY A 398 -17.83 13.97 -28.24
CA GLY A 398 -18.99 13.11 -28.07
C GLY A 398 -19.76 12.76 -29.32
N ASP A 399 -19.27 13.13 -30.51
CA ASP A 399 -20.02 12.87 -31.73
C ASP A 399 -19.97 11.39 -32.11
N THR A 400 -18.78 10.83 -32.25
CA THR A 400 -18.61 9.44 -32.68
C THR A 400 -18.36 8.55 -31.47
N THR A 401 -19.07 7.43 -31.42
CA THR A 401 -18.96 6.49 -30.32
C THR A 401 -18.77 5.08 -30.89
N TYR A 402 -18.20 4.20 -30.07
CA TYR A 402 -17.97 2.81 -30.44
C TYR A 402 -18.43 1.90 -29.31
N TYR A 403 -18.81 0.67 -29.65
CA TYR A 403 -19.31 -0.28 -28.67
C TYR A 403 -18.76 -1.67 -28.95
N ALA A 404 -18.64 -2.45 -27.89
CA ALA A 404 -18.40 -3.88 -28.05
C ALA A 404 -19.66 -4.56 -28.59
N ASP A 405 -19.44 -5.61 -29.38
CA ASP A 405 -20.57 -6.36 -29.92
C ASP A 405 -21.46 -6.92 -28.82
N SER A 406 -20.88 -7.31 -27.68
CA SER A 406 -21.65 -7.95 -26.62
C SER A 406 -22.69 -7.01 -26.01
N VAL A 407 -22.58 -5.71 -26.23
CA VAL A 407 -23.52 -4.74 -25.68
C VAL A 407 -24.17 -3.87 -26.74
N LYS A 408 -23.72 -3.98 -27.99
CA LYS A 408 -24.20 -3.11 -29.05
C LYS A 408 -25.72 -3.18 -29.13
N GLY A 409 -26.38 -2.04 -28.95
CA GLY A 409 -27.82 -1.93 -29.04
C GLY A 409 -28.51 -1.76 -27.70
N ARG A 410 -27.89 -2.23 -26.62
CA ARG A 410 -28.47 -2.11 -25.29
C ARG A 410 -27.81 -1.03 -24.44
N PHE A 411 -26.53 -0.73 -24.70
CA PHE A 411 -25.79 0.27 -23.96
C PHE A 411 -25.64 1.56 -24.76
N THR A 412 -25.57 2.69 -24.06
CA THR A 412 -25.36 3.98 -24.68
C THR A 412 -24.39 4.80 -23.85
N ILE A 413 -23.29 5.21 -24.47
CA ILE A 413 -22.28 6.04 -23.82
C ILE A 413 -22.51 7.49 -24.20
N SER A 414 -22.33 8.39 -23.24
CA SER A 414 -22.46 9.81 -23.51
C SER A 414 -21.67 10.56 -22.45
N ARG A 415 -21.53 11.88 -22.67
CA ARG A 415 -20.73 12.72 -21.79
C ARG A 415 -21.32 14.12 -21.77
N ASP A 416 -21.05 14.84 -20.68
CA ASP A 416 -21.39 16.25 -20.57
C ASP A 416 -20.11 16.98 -20.16
N ASN A 417 -19.50 17.69 -21.11
CA ASN A 417 -18.18 18.24 -20.88
C ASN A 417 -18.19 19.45 -19.95
N SER A 418 -19.31 20.19 -19.88
CA SER A 418 -19.37 21.31 -18.95
C SER A 418 -19.43 20.86 -17.50
N LYS A 419 -19.97 19.67 -17.25
CA LYS A 419 -19.97 19.05 -15.92
C LYS A 419 -18.82 18.07 -15.73
N SER A 420 -18.01 17.83 -16.78
CA SER A 420 -16.88 16.89 -16.73
C SER A 420 -17.30 15.54 -16.18
N THR A 421 -18.37 14.98 -16.75
CA THR A 421 -18.84 13.66 -16.35
C THR A 421 -19.14 12.83 -17.58
N LEU A 422 -19.00 11.52 -17.42
CA LEU A 422 -19.22 10.52 -18.46
C LEU A 422 -20.33 9.58 -18.01
N TYR A 423 -21.16 9.15 -18.96
CA TYR A 423 -22.31 8.32 -18.65
C TYR A 423 -22.30 7.03 -19.45
N LEU A 424 -22.88 5.99 -18.87
CA LEU A 424 -23.17 4.74 -19.56
C LEU A 424 -24.59 4.32 -19.22
N GLN A 425 -25.45 4.27 -20.22
CA GLN A 425 -26.85 3.89 -20.04
C GLN A 425 -27.02 2.43 -20.45
N MET A 426 -27.39 1.57 -19.50
CA MET A 426 -27.47 0.13 -19.74
C MET A 426 -28.93 -0.31 -19.74
N ASN A 427 -29.39 -0.81 -20.88
CA ASN A 427 -30.73 -1.35 -21.05
C ASN A 427 -30.67 -2.86 -21.19
N SER A 428 -31.77 -3.52 -20.83
CA SER A 428 -31.95 -4.96 -21.04
C SER A 428 -30.79 -5.76 -20.46
N LEU A 429 -30.49 -5.51 -19.19
CA LEU A 429 -29.30 -6.09 -18.57
C LEU A 429 -29.43 -7.61 -18.44
N ARG A 430 -28.32 -8.30 -18.69
CA ARG A 430 -28.24 -9.75 -18.63
C ARG A 430 -27.31 -10.16 -17.48
N ALA A 431 -27.35 -11.45 -17.14
CA ALA A 431 -26.48 -11.93 -16.07
C ALA A 431 -25.02 -11.69 -16.42
N GLU A 432 -24.65 -11.82 -17.71
CA GLU A 432 -23.27 -11.61 -18.14
C GLU A 432 -22.87 -10.15 -18.12
N ASP A 433 -23.82 -9.23 -17.98
CA ASP A 433 -23.47 -7.82 -17.82
C ASP A 433 -22.99 -7.48 -16.42
N ALA A 434 -23.18 -8.38 -15.44
CA ALA A 434 -22.77 -8.08 -14.07
C ALA A 434 -21.25 -8.07 -13.96
N ALA A 435 -20.69 -6.99 -13.41
CA ALA A 435 -19.25 -6.75 -13.41
C ALA A 435 -18.96 -5.48 -12.62
N VAL A 436 -17.69 -5.32 -12.25
CA VAL A 436 -17.13 -4.03 -11.89
C VAL A 436 -16.96 -3.24 -13.18
N TYR A 437 -17.58 -2.08 -13.25
CA TYR A 437 -17.48 -1.18 -14.39
C TYR A 437 -16.48 -0.06 -14.08
N TYR A 438 -15.37 -0.04 -14.83
CA TYR A 438 -14.37 1.03 -14.76
C TYR A 438 -14.62 2.06 -15.84
N CYS A 439 -14.34 3.31 -15.51
CA CYS A 439 -14.20 4.40 -16.46
C CYS A 439 -12.71 4.74 -16.59
N ALA A 440 -12.26 4.94 -17.83
CA ALA A 440 -10.84 5.14 -18.09
C ALA A 440 -10.64 6.13 -19.24
N ARG A 441 -9.52 6.86 -19.18
CA ARG A 441 -9.19 7.85 -20.19
C ARG A 441 -8.27 7.26 -21.25
N LEU A 442 -8.66 7.40 -22.52
CA LEU A 442 -7.89 6.86 -23.63
C LEU A 442 -6.98 7.96 -24.17
N ARG A 443 -5.70 7.64 -24.37
CA ARG A 443 -4.77 8.55 -24.99
C ARG A 443 -4.54 8.16 -26.45
N ASN A 444 -3.97 9.08 -27.22
CA ASN A 444 -3.68 8.81 -28.62
C ASN A 444 -2.61 7.74 -28.79
N SER A 445 -1.75 7.57 -27.80
CA SER A 445 -0.75 6.51 -27.82
C SER A 445 -1.38 5.11 -27.75
N GLY A 446 -2.66 4.99 -27.44
CA GLY A 446 -3.33 3.71 -27.36
C GLY A 446 -3.55 3.19 -25.96
N GLY A 447 -2.86 3.75 -24.95
CA GLY A 447 -3.06 3.31 -23.59
C GLY A 447 -4.19 4.05 -22.88
N MET A 448 -4.70 3.42 -21.83
CA MET A 448 -5.64 4.06 -20.93
C MET A 448 -4.86 4.39 -19.65
N ASP A 449 -4.52 5.67 -19.49
CA ASP A 449 -3.57 6.07 -18.46
C ASP A 449 -4.22 6.48 -17.14
N VAL A 450 -5.53 6.71 -17.11
CA VAL A 450 -6.21 7.07 -15.87
C VAL A 450 -7.49 6.25 -15.77
N TRP A 451 -7.67 5.58 -14.64
CA TRP A 451 -8.82 4.72 -14.39
C TRP A 451 -9.47 5.12 -13.08
N GLY A 452 -10.77 4.81 -12.95
CA GLY A 452 -11.46 5.01 -11.70
C GLY A 452 -11.43 3.73 -10.87
N PRO A 453 -11.95 3.77 -9.65
CA PRO A 453 -11.97 2.55 -8.82
C PRO A 453 -12.98 1.52 -9.28
N GLY A 454 -13.88 1.89 -10.19
CA GLY A 454 -14.94 1.00 -10.60
C GLY A 454 -16.16 1.08 -9.71
N THR A 455 -17.29 0.69 -10.28
CA THR A 455 -18.54 0.57 -9.56
C THR A 455 -19.18 -0.75 -9.99
N THR A 456 -19.86 -1.41 -9.07
CA THR A 456 -20.24 -2.81 -9.26
C THR A 456 -21.71 -2.94 -9.63
N VAL A 457 -21.98 -3.65 -10.73
CA VAL A 457 -23.33 -3.94 -11.18
C VAL A 457 -23.65 -5.39 -10.87
N THR A 458 -24.82 -5.64 -10.29
CA THR A 458 -25.26 -6.99 -9.94
C THR A 458 -26.61 -7.27 -10.59
N VAL A 459 -26.69 -8.37 -11.33
CA VAL A 459 -27.91 -8.73 -12.05
C VAL A 459 -28.41 -10.05 -11.47
N SER A 460 -29.54 -10.01 -10.78
CA SER A 460 -30.04 -11.18 -10.08
C SER A 460 -31.54 -11.08 -9.94
N SER A 461 -32.20 -12.23 -9.91
CA SER A 461 -33.64 -12.33 -9.69
C SER A 461 -33.92 -13.13 -8.42
N ALA A 462 -35.21 -13.33 -8.13
CA ALA A 462 -35.65 -14.10 -6.97
C ALA A 462 -34.96 -15.46 -6.89
C1 GOL B . -13.80 7.61 -30.87
O1 GOL B . -14.03 6.94 -29.65
C2 GOL B . -12.29 7.96 -30.88
O2 GOL B . -11.80 7.99 -29.59
C3 GOL B . -12.15 9.37 -31.62
O3 GOL B . -11.06 9.30 -32.53
C1 GOL C . 4.72 0.04 -10.82
O1 GOL C . 3.36 0.15 -11.01
C2 GOL C . 4.90 -0.44 -9.38
O2 GOL C . 3.70 -0.93 -8.84
C3 GOL C . 5.95 -1.54 -9.49
O3 GOL C . 5.25 -2.75 -9.44
#